data_7ZNW
#
_entry.id   7ZNW
#
_cell.length_a   46.034
_cell.length_b   58.808
_cell.length_c   151.461
_cell.angle_alpha   90.000
_cell.angle_beta   90.000
_cell.angle_gamma   90.000
#
_symmetry.space_group_name_H-M   'P 21 21 21'
#
loop_
_entity.id
_entity.type
_entity.pdbx_description
1 polymer 'artificial unspecific peoxygenase'
2 non-polymer 'PROTOPORPHYRIN IX CONTAINING FE'
3 non-polymer 'MAGNESIUM ION'
4 water water
#
_entity_poly.entity_id   1
_entity_poly.type   'polypeptide(L)'
_entity_poly.pdbx_seq_one_letter_code
;SQDIVDFSQHPWKAPGPNDLRSPCPGLNTLANHGFLPRNGRNITIPMIVQAGFDGYNVQPDILILAAKVGLLTSPEPDTF
TLDDLKLHGTIEHDASLSREDFALGDNLHFNEAIFNTLANSNPGSDVYNITSAGQVLKDRLADSLARNPNVTNTGKEFTI
RTLESAFYLSVMGNATTGEAPKNFVQIFFREERLPIEEGWKRSTTPITSDTLNPIAGQISEASNWKPNPDQCPWIVLSPN
L
;
_entity_poly.pdbx_strand_id   A,C
#
loop_
_chem_comp.id
_chem_comp.type
_chem_comp.name
_chem_comp.formula
HEM non-polymer 'PROTOPORPHYRIN IX CONTAINING FE' 'C34 H32 Fe N4 O4'
MG non-polymer 'MAGNESIUM ION' 'Mg 2'
#
# COMPACT_ATOMS: atom_id res chain seq x y z
N ASP A 6 -11.89 -19.86 22.37
CA ASP A 6 -11.25 -20.63 23.51
C ASP A 6 -9.83 -20.12 23.81
N PHE A 7 -9.68 -19.37 24.90
CA PHE A 7 -8.38 -18.75 25.31
C PHE A 7 -7.49 -19.79 26.03
N SER A 8 -8.06 -20.89 26.53
CA SER A 8 -7.32 -21.97 27.24
C SER A 8 -6.21 -22.55 26.37
N GLN A 9 -6.40 -22.59 25.04
CA GLN A 9 -5.39 -23.08 24.06
C GLN A 9 -4.36 -21.98 23.77
N HIS A 10 -4.49 -20.79 24.40
CA HIS A 10 -3.79 -19.54 24.01
C HIS A 10 -3.16 -18.88 25.22
N PRO A 11 -2.30 -19.59 25.97
CA PRO A 11 -1.66 -19.02 27.15
C PRO A 11 -0.68 -17.92 26.72
N TRP A 12 -0.49 -16.91 27.57
CA TRP A 12 0.56 -15.89 27.37
C TRP A 12 1.90 -16.60 27.54
N LYS A 13 2.88 -16.29 26.69
CA LYS A 13 4.29 -16.67 26.94
C LYS A 13 5.15 -15.49 26.50
N ALA A 14 6.09 -15.10 27.35
CA ALA A 14 7.12 -14.07 27.07
C ALA A 14 7.80 -14.43 25.75
N PRO A 15 8.01 -13.47 24.84
CA PRO A 15 8.78 -13.70 23.63
C PRO A 15 10.23 -14.02 24.01
N GLY A 16 10.83 -15.04 23.39
CA GLY A 16 12.23 -15.44 23.62
C GLY A 16 13.16 -14.80 22.58
N PRO A 17 14.39 -15.36 22.41
CA PRO A 17 15.46 -14.63 21.72
C PRO A 17 15.16 -14.37 20.23
N ASN A 18 14.87 -15.40 19.46
CA ASN A 18 14.64 -15.30 17.98
C ASN A 18 13.18 -14.90 17.70
N ASP A 19 12.41 -14.46 18.72
CA ASP A 19 10.99 -14.07 18.52
C ASP A 19 10.88 -12.59 18.14
N LEU A 20 10.38 -12.29 16.94
CA LEU A 20 10.25 -10.91 16.42
C LEU A 20 8.96 -10.26 16.95
N ARG A 21 9.07 -9.02 17.40
CA ARG A 21 7.89 -8.22 17.82
C ARG A 21 7.90 -6.87 17.08
N SER A 22 6.76 -6.18 17.17
CA SER A 22 6.44 -4.92 16.44
C SER A 22 6.33 -3.75 17.40
N PRO A 23 6.06 -2.53 16.89
CA PRO A 23 5.68 -1.41 17.74
C PRO A 23 4.18 -1.42 18.10
N CYS A 24 3.48 -2.50 17.76
CA CYS A 24 2.02 -2.60 17.96
C CYS A 24 1.68 -3.54 19.12
N PRO A 25 1.17 -3.04 20.26
CA PRO A 25 0.75 -3.93 21.34
C PRO A 25 -0.37 -4.87 20.88
N GLY A 26 -1.19 -4.46 19.90
CA GLY A 26 -2.28 -5.32 19.41
C GLY A 26 -1.76 -6.63 18.84
N LEU A 27 -0.84 -6.55 17.86
CA LEU A 27 -0.26 -7.73 17.20
C LEU A 27 0.66 -8.46 18.17
N ASN A 28 1.46 -7.73 18.97
CA ASN A 28 2.42 -8.36 19.90
C ASN A 28 1.67 -9.23 20.90
N THR A 29 0.56 -8.71 21.44
CA THR A 29 -0.31 -9.46 22.37
C THR A 29 -0.83 -10.72 21.67
N LEU A 30 -1.35 -10.61 20.44
CA LEU A 30 -1.84 -11.78 19.66
C LEU A 30 -0.69 -12.81 19.48
N ALA A 31 0.53 -12.40 19.14
CA ALA A 31 1.69 -13.31 19.00
C ALA A 31 1.99 -13.95 20.35
N ASN A 32 1.99 -13.18 21.44
CA ASN A 32 2.39 -13.70 22.78
C ASN A 32 1.38 -14.73 23.29
N HIS A 33 0.18 -14.80 22.70
CA HIS A 33 -0.90 -15.77 23.06
C HIS A 33 -1.00 -16.87 21.97
N GLY A 34 -0.19 -16.76 20.91
CA GLY A 34 -0.13 -17.78 19.86
C GLY A 34 -1.28 -17.67 18.90
N PHE A 35 -2.04 -16.57 18.90
CA PHE A 35 -3.03 -16.27 17.82
C PHE A 35 -2.31 -15.93 16.52
N LEU A 36 -1.10 -15.36 16.60
CA LEU A 36 -0.11 -15.25 15.50
C LEU A 36 1.09 -16.10 15.89
N PRO A 37 1.94 -16.50 14.93
CA PRO A 37 3.17 -17.22 15.27
C PRO A 37 3.89 -16.53 16.43
N ARG A 38 4.26 -17.29 17.43
CA ARG A 38 5.00 -16.78 18.62
C ARG A 38 6.36 -16.25 18.19
N ASN A 39 6.85 -16.66 17.03
CA ASN A 39 8.18 -16.24 16.53
C ASN A 39 8.04 -14.92 15.76
N GLY A 40 6.80 -14.49 15.48
CA GLY A 40 6.51 -13.20 14.83
C GLY A 40 6.90 -13.18 13.36
N ARG A 41 7.09 -14.35 12.72
CA ARG A 41 7.49 -14.42 11.30
C ARG A 41 6.35 -15.02 10.46
N ASN A 42 6.45 -14.77 9.15
CA ASN A 42 5.66 -15.46 8.10
C ASN A 42 4.18 -15.18 8.27
N ILE A 43 3.84 -13.91 8.50
CA ILE A 43 2.44 -13.49 8.76
C ILE A 43 1.84 -13.02 7.44
N THR A 44 0.72 -13.62 7.07
CA THR A 44 -0.08 -13.30 5.89
C THR A 44 -1.24 -12.40 6.30
N ILE A 45 -1.89 -11.76 5.33
CA ILE A 45 -3.08 -10.92 5.63
C ILE A 45 -4.18 -11.81 6.21
N PRO A 46 -4.47 -13.02 5.67
CA PRO A 46 -5.47 -13.89 6.29
C PRO A 46 -5.16 -14.26 7.75
N MET A 47 -3.89 -14.44 8.11
CA MET A 47 -3.51 -14.77 9.50
C MET A 47 -3.84 -13.57 10.40
N ILE A 48 -3.62 -12.36 9.92
CA ILE A 48 -3.98 -11.11 10.67
C ILE A 48 -5.52 -11.06 10.91
N VAL A 49 -6.32 -11.25 9.87
CA VAL A 49 -7.82 -11.18 9.92
C VAL A 49 -8.33 -12.20 10.95
N GLN A 50 -7.79 -13.41 10.93
CA GLN A 50 -8.17 -14.52 11.84
C GLN A 50 -7.71 -14.18 13.27
N ALA A 51 -6.46 -13.77 13.50
CA ALA A 51 -5.94 -13.49 14.85
C ALA A 51 -6.75 -12.34 15.48
N GLY A 52 -7.06 -11.32 14.68
CA GLY A 52 -7.80 -10.13 15.15
C GLY A 52 -9.23 -10.49 15.56
N PHE A 53 -9.91 -11.28 14.73
CA PHE A 53 -11.27 -11.81 15.02
C PHE A 53 -11.21 -12.70 16.27
N ASP A 54 -10.30 -13.68 16.31
CA ASP A 54 -10.20 -14.67 17.42
C ASP A 54 -9.91 -13.94 18.74
N GLY A 55 -8.86 -13.11 18.78
CA GLY A 55 -8.39 -12.46 20.02
C GLY A 55 -9.32 -11.37 20.53
N TYR A 56 -9.82 -10.51 19.65
CA TYR A 56 -10.40 -9.20 20.04
C TYR A 56 -11.82 -9.00 19.51
N ASN A 57 -12.29 -9.89 18.62
CA ASN A 57 -13.59 -9.67 17.91
C ASN A 57 -13.45 -8.46 16.98
N VAL A 58 -12.25 -8.19 16.46
CA VAL A 58 -12.11 -7.12 15.44
C VAL A 58 -12.44 -7.74 14.06
N GLN A 59 -13.30 -7.06 13.28
CA GLN A 59 -13.82 -7.55 11.96
C GLN A 59 -12.80 -7.25 10.86
N PRO A 60 -12.91 -7.96 9.72
CA PRO A 60 -11.87 -7.94 8.69
C PRO A 60 -11.52 -6.58 8.05
N ASP A 61 -12.54 -5.75 7.79
CA ASP A 61 -12.43 -4.44 7.09
C ASP A 61 -11.12 -3.74 7.48
N ILE A 62 -11.06 -3.35 8.74
CA ILE A 62 -9.95 -2.48 9.23
C ILE A 62 -8.65 -3.29 9.26
N LEU A 63 -8.70 -4.59 9.58
CA LEU A 63 -7.47 -5.45 9.60
C LEU A 63 -6.86 -5.64 8.21
N ILE A 64 -7.70 -5.80 7.19
CA ILE A 64 -7.22 -6.03 5.78
C ILE A 64 -6.42 -4.80 5.37
N LEU A 65 -7.01 -3.62 5.49
CA LEU A 65 -6.34 -2.33 5.13
C LEU A 65 -4.99 -2.20 5.88
N ALA A 66 -4.98 -2.38 7.20
CA ALA A 66 -3.78 -2.19 8.01
C ALA A 66 -2.71 -3.19 7.56
N ALA A 67 -3.11 -4.44 7.35
CA ALA A 67 -2.18 -5.52 6.99
C ALA A 67 -1.61 -5.29 5.58
N LYS A 68 -2.42 -4.80 4.67
CA LYS A 68 -1.96 -4.50 3.29
C LYS A 68 -0.91 -3.41 3.33
N VAL A 69 -1.09 -2.41 4.20
CA VAL A 69 -0.09 -1.33 4.37
C VAL A 69 1.17 -1.89 5.04
N GLY A 70 0.97 -2.75 6.06
CA GLY A 70 2.05 -3.46 6.78
C GLY A 70 2.93 -4.25 5.83
N LEU A 71 2.31 -4.88 4.83
CA LEU A 71 3.00 -5.67 3.78
C LEU A 71 4.09 -4.83 3.10
N LEU A 72 3.82 -3.55 2.89
CA LEU A 72 4.75 -2.62 2.17
C LEU A 72 6.07 -2.51 2.94
N THR A 73 6.09 -2.90 4.21
CA THR A 73 7.29 -2.80 5.07
C THR A 73 8.21 -4.02 4.85
N SER A 74 7.72 -5.03 4.16
CA SER A 74 8.39 -6.34 3.94
C SER A 74 8.84 -6.46 2.48
N PRO A 75 10.03 -7.02 2.17
CA PRO A 75 10.39 -7.34 0.78
C PRO A 75 9.73 -8.63 0.27
N GLU A 76 9.08 -9.40 1.15
CA GLU A 76 8.44 -10.69 0.79
C GLU A 76 7.22 -10.45 -0.08
N PRO A 77 6.90 -11.42 -0.96
CA PRO A 77 5.67 -11.35 -1.76
C PRO A 77 4.40 -11.14 -0.93
N ASP A 78 4.13 -11.95 0.09
CA ASP A 78 2.79 -11.89 0.75
C ASP A 78 2.89 -12.13 2.27
N THR A 79 4.07 -12.02 2.85
CA THR A 79 4.27 -12.10 4.31
C THR A 79 5.09 -10.91 4.80
N PHE A 80 4.93 -10.61 6.10
CA PHE A 80 5.80 -9.69 6.88
C PHE A 80 6.07 -10.37 8.22
N THR A 81 7.16 -9.94 8.84
CA THR A 81 7.45 -10.22 10.26
C THR A 81 6.92 -9.00 11.04
N LEU A 82 6.71 -9.19 12.35
CA LEU A 82 6.31 -8.09 13.26
C LEU A 82 7.44 -7.05 13.32
N ASP A 83 8.71 -7.48 13.23
CA ASP A 83 9.85 -6.52 13.17
C ASP A 83 9.78 -5.65 11.91
N ASP A 84 9.30 -6.15 10.78
CA ASP A 84 9.22 -5.32 9.55
C ASP A 84 8.40 -4.06 9.86
N LEU A 85 7.38 -4.17 10.72
CA LEU A 85 6.33 -3.12 10.90
C LEU A 85 6.93 -1.85 11.54
N LYS A 86 8.17 -1.89 12.00
CA LYS A 86 8.84 -0.71 12.60
C LYS A 86 9.21 0.32 11.54
N LEU A 87 9.11 0.03 10.24
CA LEU A 87 9.62 0.92 9.17
C LEU A 87 9.00 2.31 9.36
N HIS A 88 9.83 3.32 9.70
CA HIS A 88 9.39 4.71 9.95
C HIS A 88 8.71 5.27 8.71
N GLY A 89 7.44 5.66 8.82
CA GLY A 89 6.76 6.47 7.79
C GLY A 89 5.80 5.65 6.95
N THR A 90 5.68 4.35 7.23
CA THR A 90 4.65 3.50 6.60
C THR A 90 3.40 3.58 7.49
N ILE A 91 3.37 2.82 8.58
CA ILE A 91 2.41 3.03 9.71
C ILE A 91 3.15 3.72 10.86
N GLU A 92 4.32 3.18 11.26
CA GLU A 92 5.05 3.66 12.46
C GLU A 92 5.23 5.17 12.32
N HIS A 93 4.90 5.90 13.37
CA HIS A 93 4.80 7.39 13.38
C HIS A 93 5.39 7.93 14.68
N ASP A 94 5.76 9.21 14.64
CA ASP A 94 6.15 10.02 15.81
C ASP A 94 4.94 10.16 16.77
N ALA A 95 5.19 10.48 18.03
CA ALA A 95 4.14 10.74 19.04
C ALA A 95 3.32 9.46 19.25
N SER A 96 4.02 8.32 19.40
CA SER A 96 3.45 7.03 19.84
C SER A 96 3.14 7.16 21.35
N LEU A 97 2.27 6.30 21.84
CA LEU A 97 1.84 6.24 23.25
C LEU A 97 2.90 5.60 24.13
N SER A 98 3.68 4.66 23.61
CA SER A 98 4.58 3.79 24.43
C SER A 98 5.96 3.58 23.78
N ARG A 99 6.23 4.28 22.68
CA ARG A 99 7.51 4.14 21.97
C ARG A 99 8.13 5.51 21.70
N GLU A 100 9.46 5.61 21.71
CA GLU A 100 10.18 6.85 21.32
C GLU A 100 9.98 7.08 19.83
N ASP A 101 10.10 8.35 19.42
CA ASP A 101 10.22 8.78 18.00
C ASP A 101 11.48 8.14 17.39
N PHE A 102 11.40 7.72 16.13
CA PHE A 102 12.54 7.17 15.35
C PHE A 102 13.73 8.14 15.46
N ALA A 103 13.46 9.44 15.28
CA ALA A 103 14.51 10.49 15.18
C ALA A 103 15.19 10.69 16.53
N LEU A 104 14.59 10.25 17.65
CA LEU A 104 15.14 10.46 19.03
C LEU A 104 15.73 9.18 19.62
N GLY A 105 15.33 7.99 19.15
CA GLY A 105 15.79 6.73 19.74
C GLY A 105 15.15 5.50 19.14
N ASP A 106 14.50 4.70 19.98
CA ASP A 106 13.97 3.35 19.66
C ASP A 106 12.46 3.49 19.38
N ASN A 107 12.03 3.31 18.13
CA ASN A 107 10.60 3.38 17.73
C ASN A 107 9.94 1.99 17.77
N LEU A 108 10.61 0.98 18.34
CA LEU A 108 10.17 -0.44 18.29
C LEU A 108 9.65 -0.90 19.64
N HIS A 109 10.45 -0.72 20.69
CA HIS A 109 10.16 -1.35 22.00
C HIS A 109 9.34 -0.51 22.98
N PHE A 110 8.60 -1.21 23.86
CA PHE A 110 7.86 -0.52 24.94
C PHE A 110 8.85 0.29 25.78
N ASN A 111 8.44 1.49 26.14
CA ASN A 111 9.29 2.43 26.91
C ASN A 111 8.42 3.02 28.01
N GLU A 112 8.71 2.66 29.26
CA GLU A 112 7.91 3.06 30.45
C GLU A 112 7.89 4.59 30.56
N ALA A 113 9.03 5.25 30.32
CA ALA A 113 9.19 6.70 30.48
C ALA A 113 8.19 7.39 29.54
N ILE A 114 8.07 6.94 28.28
CA ILE A 114 7.08 7.47 27.29
C ILE A 114 5.65 7.15 27.77
N PHE A 115 5.43 5.91 28.17
CA PHE A 115 4.09 5.36 28.51
C PHE A 115 3.52 6.12 29.72
N ASN A 116 4.41 6.70 30.52
CA ASN A 116 4.04 7.42 31.76
C ASN A 116 2.81 8.35 31.54
N THR A 117 2.77 9.06 30.42
CA THR A 117 1.69 10.03 30.09
C THR A 117 0.34 9.30 30.03
N LEU A 118 0.26 8.26 29.22
CA LEU A 118 -0.97 7.45 29.10
C LEU A 118 -1.28 6.83 30.47
N ALA A 119 -0.26 6.27 31.14
CA ALA A 119 -0.39 5.60 32.44
C ALA A 119 -1.15 6.55 33.39
N ASN A 120 -0.69 7.79 33.49
CA ASN A 120 -1.16 8.76 34.51
C ASN A 120 -2.38 9.54 34.03
N SER A 121 -2.90 9.26 32.83
CA SER A 121 -4.03 10.03 32.24
C SER A 121 -5.34 9.67 32.96
N ASN A 122 -6.33 10.53 32.83
CA ASN A 122 -7.66 10.46 33.51
C ASN A 122 -7.46 10.29 35.00
N PRO A 123 -6.68 11.18 35.67
CA PRO A 123 -6.43 11.04 37.09
C PRO A 123 -7.73 11.05 37.92
N GLY A 124 -7.85 10.15 38.88
CA GLY A 124 -9.02 10.02 39.76
C GLY A 124 -10.09 9.13 39.14
N SER A 125 -9.83 8.50 38.00
CA SER A 125 -10.81 7.58 37.36
C SER A 125 -10.19 6.18 37.31
N ASP A 126 -11.06 5.18 37.27
CA ASP A 126 -10.71 3.75 37.12
C ASP A 126 -10.65 3.35 35.64
N VAL A 127 -10.93 4.27 34.71
CA VAL A 127 -10.89 3.97 33.25
C VAL A 127 -10.10 5.05 32.52
N TYR A 128 -9.59 4.68 31.35
CA TYR A 128 -9.24 5.66 30.31
C TYR A 128 -10.52 5.86 29.47
N ASN A 129 -10.68 7.06 28.91
CA ASN A 129 -11.88 7.36 28.09
C ASN A 129 -11.44 8.21 26.90
N ILE A 130 -12.43 8.69 26.14
CA ILE A 130 -12.19 9.51 24.93
C ILE A 130 -11.47 10.81 25.33
N THR A 131 -11.93 11.47 26.40
CA THR A 131 -11.33 12.72 26.92
C THR A 131 -9.85 12.50 27.25
N SER A 132 -9.54 11.53 28.10
CA SER A 132 -8.14 11.25 28.51
C SER A 132 -7.34 10.83 27.27
N ALA A 133 -7.91 10.01 26.37
CA ALA A 133 -7.20 9.58 25.14
C ALA A 133 -6.77 10.83 24.34
N GLY A 134 -7.68 11.80 24.14
CA GLY A 134 -7.41 13.08 23.46
C GLY A 134 -6.31 13.88 24.13
N GLN A 135 -6.38 13.98 25.45
CA GLN A 135 -5.38 14.72 26.26
C GLN A 135 -4.00 14.07 26.05
N VAL A 136 -3.94 12.74 26.04
CA VAL A 136 -2.68 11.97 25.81
C VAL A 136 -2.17 12.28 24.40
N LEU A 137 -3.05 12.30 23.40
CA LEU A 137 -2.67 12.66 22.01
C LEU A 137 -2.07 14.07 21.97
N LYS A 138 -2.68 15.07 22.61
CA LYS A 138 -2.08 16.42 22.71
C LYS A 138 -0.71 16.37 23.35
N ASP A 139 -0.58 15.69 24.48
CA ASP A 139 0.65 15.76 25.31
C ASP A 139 1.79 15.10 24.53
N ARG A 140 1.51 13.96 23.88
CA ARG A 140 2.51 13.16 23.14
C ARG A 140 2.97 13.95 21.91
N LEU A 141 2.04 14.49 21.14
CA LEU A 141 2.38 15.33 19.97
C LEU A 141 3.18 16.55 20.42
N ALA A 142 2.77 17.22 21.51
CA ALA A 142 3.43 18.46 21.98
C ALA A 142 4.88 18.10 22.36
N ASP A 143 5.07 16.91 22.93
CA ASP A 143 6.41 16.38 23.27
C ASP A 143 7.28 16.26 22.00
N SER A 144 6.74 15.63 20.97
CA SER A 144 7.51 15.38 19.71
C SER A 144 7.80 16.71 18.99
N LEU A 145 6.87 17.65 19.05
CA LEU A 145 7.06 18.96 18.38
C LEU A 145 8.17 19.75 19.09
N ALA A 146 8.31 19.57 20.39
CA ALA A 146 9.30 20.33 21.17
C ALA A 146 10.67 19.68 21.10
N ARG A 147 10.75 18.36 20.92
CA ARG A 147 12.06 17.69 21.02
C ARG A 147 12.52 17.10 19.69
N ASN A 148 11.63 17.01 18.72
CA ASN A 148 11.96 16.35 17.43
C ASN A 148 11.86 17.31 16.24
N PRO A 149 12.99 17.86 15.77
CA PRO A 149 13.00 18.73 14.60
C PRO A 149 12.62 17.98 13.30
N ASN A 150 12.68 16.66 13.34
CA ASN A 150 12.28 15.84 12.16
C ASN A 150 10.88 15.27 12.35
N VAL A 151 10.09 15.84 13.26
CA VAL A 151 8.70 15.39 13.48
C VAL A 151 7.87 15.39 12.18
N THR A 152 7.16 14.31 11.90
CA THR A 152 6.16 14.25 10.80
C THR A 152 4.77 14.22 11.45
N ASN A 153 3.97 15.25 11.19
CA ASN A 153 2.64 15.45 11.82
C ASN A 153 1.70 15.98 10.74
N THR A 154 1.18 15.07 9.91
CA THR A 154 0.17 15.33 8.87
C THR A 154 -1.13 14.60 9.25
N GLY A 155 -2.16 14.84 8.45
CA GLY A 155 -3.44 14.08 8.43
C GLY A 155 -3.23 12.58 8.53
N LYS A 156 -2.21 12.02 7.86
CA LYS A 156 -2.00 10.55 7.86
C LYS A 156 -1.68 10.09 9.28
N GLU A 157 -0.65 10.67 9.91
CA GLU A 157 -0.17 10.23 11.25
C GLU A 157 -1.29 10.46 12.25
N PHE A 158 -1.98 11.59 12.15
CA PHE A 158 -3.02 11.96 13.13
C PHE A 158 -4.17 10.94 13.04
N THR A 159 -4.65 10.64 11.85
CA THR A 159 -5.74 9.63 11.64
C THR A 159 -5.34 8.31 12.29
N ILE A 160 -4.09 7.89 12.07
CA ILE A 160 -3.60 6.57 12.56
C ILE A 160 -3.57 6.63 14.10
N ARG A 161 -3.13 7.76 14.64
CA ARG A 161 -3.03 7.96 16.11
C ARG A 161 -4.43 7.90 16.73
N THR A 162 -5.44 8.53 16.13
CA THR A 162 -6.82 8.50 16.69
C THR A 162 -7.32 7.07 16.62
N LEU A 163 -7.04 6.37 15.52
CA LEU A 163 -7.48 4.96 15.37
C LEU A 163 -6.79 4.05 16.37
N GLU A 164 -5.48 4.21 16.58
CA GLU A 164 -4.72 3.34 17.51
C GLU A 164 -5.25 3.54 18.93
N SER A 165 -5.60 4.79 19.28
CA SER A 165 -6.15 5.15 20.61
C SER A 165 -7.59 4.57 20.72
N ALA A 166 -8.36 4.62 19.64
CA ALA A 166 -9.69 3.96 19.58
C ALA A 166 -9.50 2.46 19.79
N PHE A 167 -8.40 1.90 19.27
CA PHE A 167 -8.15 0.44 19.38
C PHE A 167 -7.95 0.05 20.85
N TYR A 168 -7.08 0.72 21.60
CA TYR A 168 -6.79 0.29 23.00
C TYR A 168 -8.08 0.43 23.84
N LEU A 169 -8.78 1.55 23.70
CA LEU A 169 -10.09 1.74 24.36
C LEU A 169 -11.06 0.63 23.96
N SER A 170 -11.12 0.26 22.68
CA SER A 170 -12.17 -0.67 22.20
C SER A 170 -11.85 -2.14 22.57
N VAL A 171 -10.63 -2.62 22.37
CA VAL A 171 -10.35 -4.08 22.52
C VAL A 171 -10.20 -4.42 24.01
N MET A 172 -9.71 -3.49 24.83
CA MET A 172 -9.51 -3.70 26.29
C MET A 172 -10.76 -3.24 27.06
N GLY A 173 -11.73 -2.61 26.42
CA GLY A 173 -12.79 -1.88 27.14
C GLY A 173 -14.13 -2.03 26.44
N ASN A 174 -14.86 -0.92 26.30
CA ASN A 174 -16.22 -0.90 25.69
C ASN A 174 -16.11 -0.30 24.29
N ALA A 175 -16.46 -1.12 23.29
CA ALA A 175 -16.37 -0.73 21.86
C ALA A 175 -17.38 0.33 21.45
N THR A 176 -18.39 0.56 22.27
CA THR A 176 -19.41 1.62 21.98
C THR A 176 -19.01 2.96 22.62
N THR A 177 -18.64 2.95 23.88
CA THR A 177 -18.42 4.19 24.68
C THR A 177 -16.95 4.59 24.64
N GLY A 178 -16.04 3.64 24.39
CA GLY A 178 -14.59 3.91 24.37
C GLY A 178 -14.05 4.16 25.78
N GLU A 179 -14.62 3.49 26.77
CA GLU A 179 -14.10 3.47 28.17
C GLU A 179 -13.41 2.13 28.38
N ALA A 180 -12.24 2.12 29.01
CA ALA A 180 -11.45 0.88 29.24
C ALA A 180 -10.86 0.90 30.63
N PRO A 181 -11.04 -0.20 31.41
CA PRO A 181 -10.40 -0.32 32.71
C PRO A 181 -8.90 -0.06 32.60
N LYS A 182 -8.37 0.76 33.50
CA LYS A 182 -6.96 1.25 33.43
C LYS A 182 -6.00 0.06 33.53
N ASN A 183 -6.28 -0.92 34.37
CA ASN A 183 -5.35 -2.05 34.61
C ASN A 183 -5.29 -2.94 33.35
N PHE A 184 -6.40 -3.08 32.63
CA PHE A 184 -6.45 -3.87 31.37
C PHE A 184 -5.49 -3.19 30.38
N VAL A 185 -5.63 -1.88 30.20
CA VAL A 185 -4.83 -1.08 29.23
C VAL A 185 -3.37 -1.12 29.68
N GLN A 186 -3.09 -1.03 30.98
CA GLN A 186 -1.69 -1.04 31.48
C GLN A 186 -1.02 -2.38 31.19
N ILE A 187 -1.75 -3.47 31.43
CA ILE A 187 -1.25 -4.86 31.19
C ILE A 187 -1.00 -5.04 29.68
N PHE A 188 -1.99 -4.69 28.86
CA PHE A 188 -1.92 -4.72 27.38
C PHE A 188 -0.59 -4.10 26.92
N PHE A 189 -0.27 -2.88 27.36
CA PHE A 189 0.93 -2.15 26.89
C PHE A 189 2.19 -2.71 27.54
N ARG A 190 2.16 -2.91 28.85
CA ARG A 190 3.39 -3.20 29.64
C ARG A 190 3.80 -4.65 29.45
N GLU A 191 2.84 -5.57 29.35
CA GLU A 191 3.14 -7.03 29.28
C GLU A 191 2.77 -7.60 27.92
N GLU A 192 2.00 -6.86 27.12
CA GLU A 192 1.45 -7.35 25.83
C GLU A 192 0.82 -8.69 26.15
N ARG A 193 -0.17 -8.63 27.05
CA ARG A 193 -0.93 -9.80 27.58
C ARG A 193 -2.42 -9.45 27.61
N LEU A 194 -3.28 -10.43 27.30
CA LEU A 194 -4.74 -10.35 27.48
C LEU A 194 -5.01 -10.51 28.98
N PRO A 195 -5.61 -9.53 29.67
CA PRO A 195 -5.78 -9.61 31.13
C PRO A 195 -6.95 -10.52 31.54
N ILE A 196 -6.85 -11.80 31.14
CA ILE A 196 -7.92 -12.83 31.33
C ILE A 196 -8.11 -13.12 32.82
N GLU A 197 -7.01 -13.32 33.56
CA GLU A 197 -7.07 -13.68 34.99
C GLU A 197 -7.64 -12.47 35.73
N GLU A 198 -7.45 -11.25 35.19
CA GLU A 198 -7.88 -10.00 35.83
C GLU A 198 -9.31 -9.67 35.43
N GLY A 199 -9.96 -10.50 34.62
CA GLY A 199 -11.40 -10.34 34.33
C GLY A 199 -11.67 -9.84 32.92
N TRP A 200 -10.65 -9.59 32.09
CA TRP A 200 -10.86 -9.15 30.67
C TRP A 200 -11.58 -10.26 29.89
N LYS A 201 -12.60 -9.89 29.14
CA LYS A 201 -13.35 -10.77 28.21
C LYS A 201 -13.20 -10.19 26.79
N ARG A 202 -13.01 -11.04 25.80
CA ARG A 202 -13.12 -10.67 24.37
C ARG A 202 -14.47 -9.94 24.18
N SER A 203 -14.45 -8.80 23.49
CA SER A 203 -15.66 -7.99 23.23
C SER A 203 -16.80 -8.84 22.68
N THR A 204 -17.99 -8.65 23.23
CA THR A 204 -19.20 -9.35 22.72
C THR A 204 -19.68 -8.55 21.52
N THR A 205 -19.53 -7.24 21.57
CA THR A 205 -19.90 -6.42 20.41
C THR A 205 -18.75 -6.50 19.38
N PRO A 206 -19.05 -6.71 18.09
CA PRO A 206 -18.00 -6.72 17.08
C PRO A 206 -17.33 -5.35 16.89
N ILE A 207 -15.99 -5.33 16.82
CA ILE A 207 -15.23 -4.08 16.60
C ILE A 207 -15.05 -3.92 15.09
N THR A 208 -15.64 -2.88 14.55
CA THR A 208 -15.69 -2.60 13.11
C THR A 208 -15.23 -1.16 12.89
N SER A 209 -15.09 -0.73 11.65
CA SER A 209 -14.86 0.71 11.33
C SER A 209 -16.06 1.55 11.76
N ASP A 210 -17.29 1.00 11.79
CA ASP A 210 -18.50 1.72 12.24
C ASP A 210 -18.52 1.95 13.75
N THR A 211 -17.79 1.15 14.53
CA THR A 211 -17.63 1.39 15.99
C THR A 211 -16.34 2.19 16.24
N LEU A 212 -15.24 1.84 15.57
CA LEU A 212 -13.94 2.53 15.77
C LEU A 212 -14.03 3.99 15.34
N ASN A 213 -14.64 4.27 14.18
CA ASN A 213 -14.57 5.62 13.56
C ASN A 213 -15.17 6.68 14.48
N PRO A 214 -16.40 6.51 15.00
CA PRO A 214 -16.97 7.50 15.92
C PRO A 214 -16.05 7.75 17.13
N ILE A 215 -15.48 6.70 17.71
CA ILE A 215 -14.53 6.80 18.85
C ILE A 215 -13.31 7.60 18.39
N ALA A 216 -12.70 7.24 17.25
CA ALA A 216 -11.51 7.95 16.69
C ALA A 216 -11.84 9.41 16.46
N GLY A 217 -13.03 9.68 15.91
CA GLY A 217 -13.53 11.04 15.67
C GLY A 217 -13.65 11.85 16.93
N GLN A 218 -14.17 11.25 18.01
CA GLN A 218 -14.30 11.96 19.30
C GLN A 218 -12.92 12.19 19.91
N ILE A 219 -12.03 11.21 19.81
CA ILE A 219 -10.62 11.39 20.30
C ILE A 219 -10.01 12.59 19.55
N SER A 220 -10.27 12.66 18.26
CA SER A 220 -9.77 13.73 17.36
C SER A 220 -10.22 15.11 17.89
N GLU A 221 -11.51 15.24 18.19
CA GLU A 221 -12.13 16.53 18.65
C GLU A 221 -11.47 16.90 19.99
N ALA A 222 -11.27 15.94 20.86
CA ALA A 222 -10.68 16.15 22.19
C ALA A 222 -9.18 16.38 22.07
N SER A 223 -8.57 16.27 20.89
CA SER A 223 -7.09 16.39 20.72
C SER A 223 -6.72 17.81 20.35
N ASN A 224 -7.68 18.62 19.90
CA ASN A 224 -7.47 20.01 19.39
C ASN A 224 -6.21 20.05 18.50
N TRP A 225 -6.27 19.37 17.36
CA TRP A 225 -5.08 19.08 16.53
C TRP A 225 -4.98 20.04 15.34
N LYS A 226 -3.76 20.41 14.95
CA LYS A 226 -3.45 21.09 13.66
C LYS A 226 -2.28 20.35 13.01
N PRO A 227 -2.25 20.20 11.67
CA PRO A 227 -1.10 19.61 10.98
C PRO A 227 0.12 20.56 10.98
N ASN A 228 1.34 20.03 10.79
CA ASN A 228 2.52 20.87 10.44
C ASN A 228 2.21 21.53 9.10
N PRO A 229 2.46 22.85 8.93
CA PRO A 229 2.01 23.59 7.74
C PRO A 229 2.47 23.07 6.35
N ASP A 230 3.76 22.83 6.13
CA ASP A 230 4.28 22.53 4.76
C ASP A 230 4.67 21.05 4.65
N GLN A 231 3.90 20.12 5.25
CA GLN A 231 4.17 18.66 5.19
C GLN A 231 3.09 17.95 4.37
N CYS A 232 3.48 17.09 3.41
CA CYS A 232 2.54 16.30 2.58
C CYS A 232 2.39 14.94 3.24
N PRO A 233 1.15 14.45 3.44
CA PRO A 233 0.93 13.08 3.91
C PRO A 233 1.54 12.06 2.94
N TRP A 234 2.27 11.07 3.46
CA TRP A 234 2.92 10.03 2.63
C TRP A 234 2.99 8.69 3.36
N ILE A 235 2.76 7.60 2.62
CA ILE A 235 3.10 6.21 3.06
C ILE A 235 4.39 5.79 2.38
N VAL A 236 5.49 5.68 3.12
CA VAL A 236 6.77 5.05 2.66
C VAL A 236 6.40 3.66 2.12
N LEU A 237 6.76 3.38 0.87
CA LEU A 237 6.15 2.28 0.05
C LEU A 237 7.07 1.05 0.02
N SER A 238 8.30 1.24 0.46
CA SER A 238 9.24 0.12 0.42
C SER A 238 10.38 0.35 1.39
N PRO A 239 10.83 -0.72 2.06
CA PRO A 239 11.98 -0.61 2.95
C PRO A 239 13.22 -0.22 2.14
N VAL B 5 10.32 -21.16 -20.79
CA VAL B 5 8.84 -20.95 -20.86
C VAL B 5 8.32 -21.49 -22.20
N ASP B 6 7.14 -22.10 -22.19
CA ASP B 6 6.44 -22.62 -23.40
C ASP B 6 5.19 -21.78 -23.72
N PHE B 7 5.28 -20.93 -24.75
CA PHE B 7 4.14 -20.04 -25.08
C PHE B 7 3.07 -20.82 -25.84
N SER B 8 3.40 -22.03 -26.29
CA SER B 8 2.45 -22.88 -27.04
C SER B 8 1.27 -23.26 -26.15
N GLN B 9 1.52 -23.39 -24.84
CA GLN B 9 0.45 -23.70 -23.86
C GLN B 9 -0.23 -22.39 -23.44
N HIS B 10 0.18 -21.26 -24.01
CA HIS B 10 -0.35 -19.95 -23.57
C HIS B 10 -0.91 -19.16 -24.76
N PRO B 11 -1.96 -19.67 -25.42
CA PRO B 11 -2.51 -19.02 -26.59
C PRO B 11 -3.23 -17.71 -26.28
N TRP B 12 -3.16 -16.77 -27.21
CA TRP B 12 -3.94 -15.52 -27.04
C TRP B 12 -5.41 -15.86 -27.25
N LYS B 13 -6.27 -15.29 -26.43
CA LYS B 13 -7.72 -15.45 -26.59
C LYS B 13 -8.39 -14.14 -26.22
N ALA B 14 -9.22 -13.60 -27.11
CA ALA B 14 -9.97 -12.35 -26.92
C ALA B 14 -10.70 -12.41 -25.60
N PRO B 15 -10.60 -11.38 -24.73
CA PRO B 15 -11.33 -11.38 -23.47
C PRO B 15 -12.83 -11.29 -23.78
N GLY B 16 -13.66 -12.05 -23.08
CA GLY B 16 -15.13 -12.01 -23.17
C GLY B 16 -15.71 -11.01 -22.18
N PRO B 17 -17.04 -10.75 -22.23
CA PRO B 17 -17.70 -9.90 -21.24
C PRO B 17 -17.59 -10.45 -19.82
N ASN B 18 -17.54 -11.78 -19.64
CA ASN B 18 -17.19 -12.42 -18.34
C ASN B 18 -15.89 -11.82 -17.75
N ASP B 19 -14.92 -11.49 -18.60
CA ASP B 19 -13.47 -11.40 -18.24
C ASP B 19 -13.12 -9.97 -17.79
N LEU B 20 -12.64 -9.82 -16.55
CA LEU B 20 -12.22 -8.51 -15.99
C LEU B 20 -10.82 -8.12 -16.51
N ARG B 21 -10.69 -6.86 -16.94
CA ARG B 21 -9.40 -6.33 -17.43
C ARG B 21 -9.11 -5.01 -16.70
N SER B 22 -7.86 -4.57 -16.80
CA SER B 22 -7.28 -3.40 -16.09
C SER B 22 -6.96 -2.29 -17.09
N PRO B 23 -6.44 -1.13 -16.62
CA PRO B 23 -5.85 -0.13 -17.49
C PRO B 23 -4.38 -0.46 -17.88
N CYS B 24 -3.91 -1.66 -17.54
CA CYS B 24 -2.50 -2.10 -17.72
C CYS B 24 -2.41 -3.08 -18.88
N PRO B 25 -1.82 -2.72 -20.04
CA PRO B 25 -1.63 -3.68 -21.11
C PRO B 25 -0.74 -4.86 -20.66
N GLY B 26 0.15 -4.62 -19.72
CA GLY B 26 1.09 -5.66 -19.23
C GLY B 26 0.33 -6.82 -18.63
N LEU B 27 -0.50 -6.54 -17.62
CA LEU B 27 -1.31 -7.56 -16.95
C LEU B 27 -2.39 -8.09 -17.90
N ASN B 28 -3.04 -7.22 -18.66
CA ASN B 28 -4.15 -7.63 -19.56
C ASN B 28 -3.64 -8.66 -20.57
N THR B 29 -2.47 -8.40 -21.15
CA THR B 29 -1.79 -9.32 -22.11
C THR B 29 -1.50 -10.64 -21.40
N LEU B 30 -0.96 -10.62 -20.17
CA LEU B 30 -0.70 -11.85 -19.39
C LEU B 30 -2.01 -12.64 -19.18
N ALA B 31 -3.10 -11.97 -18.83
CA ALA B 31 -4.42 -12.64 -18.66
C ALA B 31 -4.89 -13.20 -20.00
N ASN B 32 -4.72 -12.47 -21.10
CA ASN B 32 -5.21 -12.89 -22.44
C ASN B 32 -4.50 -14.16 -22.94
N HIS B 33 -3.32 -14.46 -22.39
CA HIS B 33 -2.54 -15.67 -22.78
C HIS B 33 -2.66 -16.73 -21.68
N GLY B 34 -3.37 -16.41 -20.59
CA GLY B 34 -3.63 -17.38 -19.52
C GLY B 34 -2.44 -17.52 -18.59
N PHE B 35 -1.48 -16.59 -18.60
CA PHE B 35 -0.42 -16.50 -17.57
C PHE B 35 -1.01 -16.04 -16.24
N LEU B 36 -2.08 -15.23 -16.29
CA LEU B 36 -2.99 -14.89 -15.18
C LEU B 36 -4.37 -15.44 -15.55
N PRO B 37 -5.27 -15.67 -14.58
CA PRO B 37 -6.62 -16.14 -14.88
C PRO B 37 -7.20 -15.31 -16.03
N ARG B 38 -7.75 -15.99 -17.03
CA ARG B 38 -8.33 -15.29 -18.20
C ARG B 38 -9.54 -14.48 -17.74
N ASN B 39 -10.13 -14.86 -16.62
CA ASN B 39 -11.35 -14.15 -16.12
C ASN B 39 -10.93 -12.89 -15.35
N GLY B 40 -9.62 -12.72 -15.09
CA GLY B 40 -9.07 -11.51 -14.45
C GLY B 40 -9.38 -11.46 -12.96
N ARG B 41 -9.74 -12.59 -12.34
CA ARG B 41 -10.10 -12.62 -10.90
C ARG B 41 -9.07 -13.40 -10.10
N ASN B 42 -9.05 -13.15 -8.78
CA ASN B 42 -8.40 -14.03 -7.78
C ASN B 42 -6.89 -13.99 -7.99
N ILE B 43 -6.36 -12.80 -8.23
CA ILE B 43 -4.91 -12.63 -8.52
C ILE B 43 -4.18 -12.30 -7.23
N THR B 44 -3.22 -13.14 -6.88
CA THR B 44 -2.34 -13.00 -5.71
C THR B 44 -1.01 -12.37 -6.17
N ILE B 45 -0.25 -11.89 -5.21
CA ILE B 45 1.08 -11.31 -5.51
C ILE B 45 1.98 -12.41 -6.09
N PRO B 46 2.00 -13.65 -5.55
CA PRO B 46 2.78 -14.72 -6.18
C PRO B 46 2.42 -15.00 -7.64
N MET B 47 1.13 -14.93 -8.00
CA MET B 47 0.68 -15.16 -9.39
C MET B 47 1.26 -14.05 -10.28
N ILE B 48 1.30 -12.81 -9.79
CA ILE B 48 1.88 -11.68 -10.55
C ILE B 48 3.38 -11.93 -10.82
N VAL B 49 4.14 -12.33 -9.80
CA VAL B 49 5.62 -12.55 -9.95
C VAL B 49 5.86 -13.63 -11.00
N GLN B 50 5.12 -14.72 -10.92
CA GLN B 50 5.26 -15.83 -11.87
C GLN B 50 4.84 -15.40 -13.29
N ALA B 51 3.66 -14.79 -13.44
CA ALA B 51 3.17 -14.41 -14.77
C ALA B 51 4.16 -13.41 -15.42
N GLY B 52 4.71 -12.49 -14.65
CA GLY B 52 5.67 -11.46 -15.11
C GLY B 52 6.98 -12.10 -15.55
N PHE B 53 7.49 -13.04 -14.76
CA PHE B 53 8.70 -13.84 -15.10
C PHE B 53 8.40 -14.68 -16.36
N ASP B 54 7.31 -15.45 -16.36
CA ASP B 54 7.00 -16.40 -17.46
C ASP B 54 6.83 -15.62 -18.78
N GLY B 55 5.96 -14.61 -18.80
CA GLY B 55 5.59 -13.86 -20.01
C GLY B 55 6.70 -12.98 -20.54
N TYR B 56 7.41 -12.25 -19.68
CA TYR B 56 8.25 -11.09 -20.08
C TYR B 56 9.70 -11.21 -19.59
N ASN B 57 9.99 -12.16 -18.71
CA ASN B 57 11.33 -12.21 -18.05
C ASN B 57 11.47 -11.00 -17.09
N VAL B 58 10.36 -10.49 -16.53
CA VAL B 58 10.48 -9.42 -15.49
C VAL B 58 10.73 -10.08 -14.11
N GLN B 59 11.72 -9.60 -13.35
CA GLN B 59 12.12 -10.15 -12.03
C GLN B 59 11.20 -9.63 -10.93
N PRO B 60 11.13 -10.37 -9.80
CA PRO B 60 10.10 -10.17 -8.78
C PRO B 60 10.02 -8.79 -8.10
N ASP B 61 11.17 -8.15 -7.82
CA ASP B 61 11.24 -6.92 -7.00
C ASP B 61 10.19 -5.92 -7.45
N ILE B 62 10.23 -5.50 -8.71
CA ILE B 62 9.32 -4.42 -9.17
C ILE B 62 7.87 -4.95 -9.19
N LEU B 63 7.65 -6.23 -9.51
CA LEU B 63 6.29 -6.84 -9.56
C LEU B 63 5.67 -6.92 -8.15
N ILE B 64 6.46 -7.30 -7.14
CA ILE B 64 5.98 -7.44 -5.74
C ILE B 64 5.44 -6.07 -5.29
N LEU B 65 6.26 -5.03 -5.41
CA LEU B 65 5.89 -3.66 -5.02
C LEU B 65 4.61 -3.22 -5.74
N ALA B 66 4.54 -3.38 -7.07
CA ALA B 66 3.40 -2.91 -7.87
C ALA B 66 2.16 -3.67 -7.41
N ALA B 67 2.28 -4.98 -7.22
CA ALA B 67 1.14 -5.84 -6.84
C ALA B 67 0.65 -5.47 -5.43
N LYS B 68 1.56 -5.18 -4.50
CA LYS B 68 1.19 -4.78 -3.13
C LYS B 68 0.40 -3.47 -3.17
N VAL B 69 0.76 -2.56 -4.05
CA VAL B 69 0.02 -1.27 -4.18
C VAL B 69 -1.32 -1.54 -4.87
N GLY B 70 -1.33 -2.42 -5.87
CA GLY B 70 -2.54 -2.87 -6.58
C GLY B 70 -3.56 -3.47 -5.63
N LEU B 71 -3.07 -4.24 -4.67
CA LEU B 71 -3.89 -4.84 -3.57
C LEU B 71 -4.74 -3.78 -2.87
N LEU B 72 -4.20 -2.57 -2.68
CA LEU B 72 -4.90 -1.47 -1.97
C LEU B 72 -6.19 -1.09 -2.69
N THR B 73 -6.32 -1.45 -3.97
CA THR B 73 -7.51 -1.13 -4.80
C THR B 73 -8.64 -2.14 -4.53
N SER B 74 -8.32 -3.22 -3.84
CA SER B 74 -9.21 -4.40 -3.64
C SER B 74 -9.70 -4.43 -2.19
N PRO B 75 -10.99 -4.74 -1.93
CA PRO B 75 -11.44 -5.03 -0.57
C PRO B 75 -11.07 -6.45 -0.12
N GLU B 76 -10.64 -7.33 -1.03
CA GLU B 76 -10.30 -8.73 -0.64
C GLU B 76 -9.00 -8.76 0.16
N PRO B 77 -8.85 -9.76 1.05
CA PRO B 77 -7.63 -9.86 1.86
C PRO B 77 -6.32 -9.91 1.06
N ASP B 78 -6.16 -10.81 0.10
CA ASP B 78 -4.84 -11.03 -0.54
C ASP B 78 -4.96 -11.22 -2.07
N THR B 79 -6.10 -10.85 -2.64
CA THR B 79 -6.33 -10.87 -4.09
C THR B 79 -6.90 -9.53 -4.56
N PHE B 80 -6.71 -9.26 -5.85
CA PHE B 80 -7.42 -8.20 -6.60
C PHE B 80 -7.88 -8.83 -7.89
N THR B 81 -8.88 -8.19 -8.49
CA THR B 81 -9.27 -8.40 -9.89
C THR B 81 -8.55 -7.33 -10.71
N LEU B 82 -8.41 -7.54 -12.01
CA LEU B 82 -7.79 -6.57 -12.93
C LEU B 82 -8.67 -5.31 -12.95
N ASP B 83 -9.99 -5.46 -12.85
CA ASP B 83 -10.91 -4.29 -12.81
C ASP B 83 -10.68 -3.45 -11.54
N ASP B 84 -10.30 -4.03 -10.40
CA ASP B 84 -10.02 -3.23 -9.18
C ASP B 84 -8.97 -2.17 -9.52
N LEU B 85 -7.99 -2.48 -10.39
CA LEU B 85 -6.76 -1.66 -10.61
C LEU B 85 -7.11 -0.32 -11.28
N LYS B 86 -8.35 -0.12 -11.71
CA LYS B 86 -8.76 1.16 -12.34
C LYS B 86 -8.88 2.28 -11.30
N LEU B 87 -8.82 1.98 -10.00
CA LEU B 87 -9.18 2.96 -8.95
C LEU B 87 -8.33 4.21 -9.15
N HIS B 88 -8.95 5.35 -9.49
CA HIS B 88 -8.24 6.64 -9.78
C HIS B 88 -7.43 7.05 -8.55
N GLY B 89 -6.11 7.16 -8.67
CA GLY B 89 -5.28 7.80 -7.64
C GLY B 89 -4.51 6.82 -6.79
N THR B 90 -4.65 5.51 -7.07
CA THR B 90 -3.80 4.49 -6.42
C THR B 90 -2.56 4.34 -7.31
N ILE B 91 -2.68 3.60 -8.42
CA ILE B 91 -1.71 3.61 -9.55
C ILE B 91 -2.30 4.43 -10.68
N GLU B 92 -3.57 4.17 -11.04
CA GLU B 92 -4.18 4.77 -12.24
C GLU B 92 -4.04 6.30 -12.12
N HIS B 93 -3.60 6.94 -13.20
CA HIS B 93 -3.20 8.37 -13.23
C HIS B 93 -3.66 9.02 -14.52
N ASP B 94 -3.75 10.34 -14.50
CA ASP B 94 -4.00 11.19 -15.70
C ASP B 94 -2.79 11.09 -16.64
N ALA B 95 -2.98 11.48 -17.92
CA ALA B 95 -1.92 11.49 -18.95
C ALA B 95 -1.36 10.06 -19.14
N SER B 96 -2.27 9.08 -19.24
CA SER B 96 -1.98 7.70 -19.68
C SER B 96 -1.67 7.72 -21.19
N LEU B 97 -1.04 6.68 -21.69
CA LEU B 97 -0.62 6.55 -23.10
C LEU B 97 -1.79 6.10 -23.98
N SER B 98 -2.73 5.34 -23.42
CA SER B 98 -3.79 4.69 -24.24
C SER B 98 -5.18 4.77 -23.60
N ARG B 99 -5.28 5.44 -22.45
CA ARG B 99 -6.56 5.54 -21.73
C ARG B 99 -6.90 7.01 -21.53
N GLU B 100 -8.18 7.32 -21.39
CA GLU B 100 -8.55 8.72 -21.11
C GLU B 100 -8.45 9.01 -19.61
N ASP B 101 -8.27 10.26 -19.25
CA ASP B 101 -8.32 10.75 -17.85
C ASP B 101 -9.69 10.43 -17.22
N PHE B 102 -9.69 10.00 -15.95
CA PHE B 102 -10.90 9.68 -15.17
C PHE B 102 -11.90 10.83 -15.28
N ALA B 103 -11.41 12.07 -15.12
CA ALA B 103 -12.23 13.31 -15.06
C ALA B 103 -12.97 13.53 -16.39
N LEU B 104 -12.46 12.99 -17.52
CA LEU B 104 -12.90 13.35 -18.89
C LEU B 104 -13.64 12.18 -19.56
N GLY B 105 -13.51 10.95 -19.03
CA GLY B 105 -14.17 9.78 -19.64
C GLY B 105 -13.75 8.48 -18.99
N ASP B 106 -13.32 7.55 -19.85
CA ASP B 106 -12.99 6.18 -19.42
C ASP B 106 -11.49 6.03 -19.15
N ASN B 107 -11.14 5.75 -17.91
CA ASN B 107 -9.71 5.56 -17.50
C ASN B 107 -9.32 4.06 -17.51
N LEU B 108 -10.16 3.19 -18.07
CA LEU B 108 -10.03 1.71 -17.97
C LEU B 108 -9.62 1.13 -19.33
N HIS B 109 -10.40 1.46 -20.36
CA HIS B 109 -10.23 0.79 -21.66
C HIS B 109 -9.29 1.46 -22.67
N PHE B 110 -8.67 0.63 -23.51
CA PHE B 110 -7.86 1.09 -24.67
C PHE B 110 -8.70 2.09 -25.49
N ASN B 111 -8.07 3.22 -25.83
CA ASN B 111 -8.72 4.30 -26.62
C ASN B 111 -7.78 4.68 -27.77
N GLU B 112 -8.17 4.40 -29.01
CA GLU B 112 -7.34 4.62 -30.24
C GLU B 112 -6.99 6.12 -30.34
N ALA B 113 -7.96 6.99 -30.10
CA ALA B 113 -7.80 8.46 -30.22
C ALA B 113 -6.65 8.91 -29.30
N ILE B 114 -6.58 8.42 -28.05
CA ILE B 114 -5.50 8.77 -27.07
C ILE B 114 -4.19 8.14 -27.54
N PHE B 115 -4.25 6.87 -27.97
CA PHE B 115 -3.05 6.08 -28.35
C PHE B 115 -2.38 6.69 -29.58
N ASN B 116 -3.13 7.47 -30.33
CA ASN B 116 -2.67 8.12 -31.58
C ASN B 116 -1.29 8.77 -31.38
N THR B 117 -1.07 9.45 -30.24
CA THR B 117 0.19 10.18 -29.96
C THR B 117 1.35 9.18 -29.92
N LEU B 118 1.22 8.14 -29.10
CA LEU B 118 2.29 7.11 -28.98
C LEU B 118 2.44 6.45 -30.37
N ALA B 119 1.32 6.13 -31.00
CA ALA B 119 1.34 5.45 -32.31
C ALA B 119 2.15 6.26 -33.32
N ASN B 120 1.95 7.57 -33.36
CA ASN B 120 2.64 8.45 -34.34
C ASN B 120 3.99 8.94 -33.82
N SER B 121 4.49 8.37 -32.72
CA SER B 121 5.76 8.85 -32.13
C SER B 121 6.95 8.37 -32.96
N ASN B 122 8.09 9.05 -32.84
CA ASN B 122 9.33 8.74 -33.57
C ASN B 122 9.04 8.61 -35.06
N PRO B 123 8.43 9.63 -35.70
CA PRO B 123 8.05 9.57 -37.11
C PRO B 123 9.28 9.29 -38.02
N GLY B 124 9.13 8.39 -38.99
CA GLY B 124 10.22 8.00 -39.92
C GLY B 124 11.23 7.02 -39.32
N SER B 125 10.88 6.38 -38.21
CA SER B 125 11.68 5.32 -37.59
C SER B 125 10.80 4.08 -37.45
N ASP B 126 11.42 2.91 -37.32
CA ASP B 126 10.64 1.65 -37.21
C ASP B 126 10.58 1.23 -35.74
N VAL B 127 11.12 2.07 -34.86
CA VAL B 127 11.14 1.74 -33.41
C VAL B 127 10.72 2.93 -32.55
N TYR B 128 10.27 2.64 -31.34
CA TYR B 128 9.99 3.68 -30.35
C TYR B 128 11.25 3.59 -29.46
N ASN B 129 11.66 4.70 -28.85
CA ASN B 129 12.88 4.75 -28.02
C ASN B 129 12.67 5.69 -26.82
N ILE B 130 13.73 5.93 -26.05
CA ILE B 130 13.66 6.82 -24.86
C ILE B 130 13.29 8.23 -25.31
N THR B 131 13.87 8.70 -26.41
CA THR B 131 13.61 10.07 -26.91
C THR B 131 12.12 10.20 -27.26
N SER B 132 11.62 9.32 -28.13
CA SER B 132 10.19 9.36 -28.51
C SER B 132 9.32 9.14 -27.26
N ALA B 133 9.69 8.23 -26.36
CA ALA B 133 8.93 7.98 -25.11
C ALA B 133 8.79 9.30 -24.32
N GLY B 134 9.88 10.06 -24.17
CA GLY B 134 9.90 11.38 -23.47
C GLY B 134 8.97 12.37 -24.13
N GLN B 135 9.00 12.42 -25.46
CA GLN B 135 8.18 13.36 -26.26
C GLN B 135 6.71 13.00 -26.05
N VAL B 136 6.38 11.71 -26.02
CA VAL B 136 4.99 11.24 -25.78
C VAL B 136 4.58 11.65 -24.37
N LEU B 137 5.47 11.52 -23.37
CA LEU B 137 5.15 11.95 -21.99
C LEU B 137 4.84 13.46 -21.96
N LYS B 138 5.64 14.30 -22.60
CA LYS B 138 5.33 15.75 -22.72
C LYS B 138 3.96 15.98 -23.37
N ASP B 139 3.72 15.32 -24.50
CA ASP B 139 2.53 15.60 -25.33
C ASP B 139 1.27 15.19 -24.55
N ARG B 140 1.32 14.04 -23.87
CA ARG B 140 0.16 13.47 -23.13
C ARG B 140 -0.15 14.35 -21.91
N LEU B 141 0.87 14.70 -21.14
CA LEU B 141 0.70 15.62 -19.99
C LEU B 141 0.15 16.97 -20.49
N ALA B 142 0.67 17.51 -21.59
CA ALA B 142 0.25 18.83 -22.13
C ALA B 142 -1.23 18.73 -22.52
N ASP B 143 -1.64 17.60 -23.07
CA ASP B 143 -3.04 17.35 -23.46
C ASP B 143 -3.95 17.41 -22.21
N SER B 144 -3.55 16.70 -21.13
CA SER B 144 -4.31 16.62 -19.85
C SER B 144 -4.41 18.02 -19.22
N LEU B 145 -3.30 18.75 -19.23
CA LEU B 145 -3.26 20.16 -18.71
C LEU B 145 -4.21 21.05 -19.52
N ALA B 146 -4.30 20.87 -20.84
CA ALA B 146 -5.15 21.70 -21.71
C ALA B 146 -6.63 21.40 -21.44
N ARG B 147 -6.97 20.12 -21.22
CA ARG B 147 -8.37 19.65 -21.32
C ARG B 147 -8.94 19.21 -19.98
N ASN B 148 -8.10 18.95 -18.97
CA ASN B 148 -8.52 18.35 -17.67
C ASN B 148 -8.23 19.34 -16.55
N PRO B 149 -9.26 20.14 -16.16
CA PRO B 149 -9.11 21.07 -15.03
C PRO B 149 -8.64 20.39 -13.75
N ASN B 150 -8.97 19.12 -13.55
CA ASN B 150 -8.70 18.34 -12.32
C ASN B 150 -7.43 17.49 -12.48
N VAL B 151 -6.58 17.76 -13.46
CA VAL B 151 -5.34 16.96 -13.67
C VAL B 151 -4.53 16.89 -12.37
N THR B 152 -4.04 15.68 -12.04
CA THR B 152 -3.14 15.46 -10.88
C THR B 152 -1.78 15.12 -11.49
N ASN B 153 -0.75 15.92 -11.19
CA ASN B 153 0.59 15.82 -11.81
C ASN B 153 1.63 16.11 -10.73
N THR B 154 1.98 15.04 -10.02
CA THR B 154 2.99 15.12 -8.96
C THR B 154 4.09 14.11 -9.22
N GLY B 155 5.16 14.17 -8.44
CA GLY B 155 6.27 13.19 -8.47
C GLY B 155 5.76 11.76 -8.57
N LYS B 156 4.67 11.40 -7.91
CA LYS B 156 4.23 9.99 -7.92
C LYS B 156 3.80 9.61 -9.34
N GLU B 157 2.89 10.37 -9.93
CA GLU B 157 2.37 10.05 -11.28
C GLU B 157 3.52 10.07 -12.28
N PHE B 158 4.37 11.07 -12.19
CA PHE B 158 5.47 11.22 -13.17
C PHE B 158 6.37 9.99 -13.10
N THR B 159 6.81 9.60 -11.91
CA THR B 159 7.69 8.42 -11.70
C THR B 159 7.02 7.18 -12.33
N ILE B 160 5.72 7.02 -12.10
CA ILE B 160 4.96 5.83 -12.57
C ILE B 160 4.91 5.89 -14.10
N ARG B 161 4.69 7.07 -14.65
CA ARG B 161 4.61 7.29 -16.12
C ARG B 161 5.98 6.95 -16.76
N THR B 162 7.10 7.38 -16.16
CA THR B 162 8.43 7.04 -16.73
C THR B 162 8.63 5.53 -16.64
N LEU B 163 8.21 4.91 -15.54
CA LEU B 163 8.37 3.45 -15.36
C LEU B 163 7.51 2.68 -16.36
N GLU B 164 6.26 3.09 -16.54
CA GLU B 164 5.31 2.40 -17.45
C GLU B 164 5.86 2.48 -18.90
N SER B 165 6.46 3.62 -19.27
CA SER B 165 7.09 3.86 -20.59
C SER B 165 8.36 3.00 -20.71
N ALA B 166 9.15 2.89 -19.65
CA ALA B 166 10.31 1.96 -19.59
C ALA B 166 9.81 0.53 -19.78
N PHE B 167 8.63 0.21 -19.25
CA PHE B 167 8.05 -1.16 -19.34
C PHE B 167 7.76 -1.50 -20.79
N TYR B 168 7.06 -0.65 -21.55
CA TYR B 168 6.66 -1.02 -22.94
C TYR B 168 7.93 -1.16 -23.80
N LEU B 169 8.85 -0.23 -23.69
CA LEU B 169 10.16 -0.30 -24.38
C LEU B 169 10.88 -1.58 -23.96
N SER B 170 10.89 -1.95 -22.68
CA SER B 170 11.69 -3.11 -22.21
C SER B 170 11.04 -4.46 -22.60
N VAL B 171 9.75 -4.67 -22.38
CA VAL B 171 9.16 -6.04 -22.52
C VAL B 171 8.92 -6.32 -24.01
N MET B 172 8.61 -5.30 -24.82
CA MET B 172 8.35 -5.47 -26.27
C MET B 172 9.66 -5.25 -27.07
N GLY B 173 10.76 -4.88 -26.43
CA GLY B 173 11.94 -4.37 -27.17
C GLY B 173 13.23 -4.83 -26.54
N ASN B 174 14.19 -3.92 -26.41
CA ASN B 174 15.53 -4.20 -25.87
C ASN B 174 15.61 -3.60 -24.46
N ALA B 175 15.77 -4.45 -23.48
CA ALA B 175 15.75 -4.08 -22.05
C ALA B 175 17.01 -3.28 -21.68
N THR B 176 18.07 -3.30 -22.51
CA THR B 176 19.33 -2.54 -22.26
C THR B 176 19.25 -1.13 -22.85
N THR B 177 18.81 -1.03 -24.10
CA THR B 177 18.85 0.23 -24.87
C THR B 177 17.50 0.96 -24.74
N GLY B 178 16.41 0.24 -24.46
CA GLY B 178 15.06 0.82 -24.42
C GLY B 178 14.56 1.19 -25.81
N GLU B 179 14.92 0.42 -26.83
CA GLU B 179 14.37 0.55 -28.21
C GLU B 179 13.39 -0.61 -28.43
N ALA B 180 12.26 -0.38 -29.08
CA ALA B 180 11.22 -1.40 -29.29
C ALA B 180 10.66 -1.28 -30.70
N PRO B 181 10.59 -2.39 -31.46
CA PRO B 181 9.88 -2.39 -32.74
C PRO B 181 8.45 -1.83 -32.56
N LYS B 182 8.08 -0.94 -33.44
CA LYS B 182 6.79 -0.24 -33.29
C LYS B 182 5.59 -1.17 -33.40
N ASN B 183 5.62 -2.15 -34.30
CA ASN B 183 4.42 -3.02 -34.47
C ASN B 183 4.24 -3.90 -33.24
N PHE B 184 5.33 -4.27 -32.58
CA PHE B 184 5.25 -5.04 -31.31
C PHE B 184 4.48 -4.21 -30.28
N VAL B 185 4.92 -2.96 -30.08
CA VAL B 185 4.32 -2.02 -29.10
C VAL B 185 2.87 -1.77 -29.51
N GLN B 186 2.61 -1.65 -30.81
CA GLN B 186 1.24 -1.31 -31.28
C GLN B 186 0.28 -2.48 -31.03
N ILE B 187 0.72 -3.71 -31.27
CA ILE B 187 -0.12 -4.91 -31.02
C ILE B 187 -0.34 -5.02 -29.51
N PHE B 188 0.73 -4.91 -28.73
CA PHE B 188 0.68 -4.97 -27.24
C PHE B 188 -0.47 -4.09 -26.76
N PHE B 189 -0.52 -2.82 -27.18
CA PHE B 189 -1.54 -1.86 -26.69
C PHE B 189 -2.90 -2.15 -27.35
N ARG B 190 -2.92 -2.32 -28.67
CA ARG B 190 -4.18 -2.40 -29.46
C ARG B 190 -4.90 -3.72 -29.21
N GLU B 191 -4.17 -4.82 -29.07
CA GLU B 191 -4.76 -6.18 -28.97
C GLU B 191 -4.47 -6.81 -27.61
N GLU B 192 -3.54 -6.23 -26.83
CA GLU B 192 -3.09 -6.83 -25.55
C GLU B 192 -2.78 -8.29 -25.86
N ARG B 193 -1.82 -8.44 -26.78
CA ARG B 193 -1.34 -9.73 -27.30
C ARG B 193 0.19 -9.69 -27.33
N LEU B 194 0.83 -10.81 -27.02
CA LEU B 194 2.28 -11.03 -27.28
C LEU B 194 2.44 -11.24 -28.79
N PRO B 195 3.20 -10.39 -29.52
CA PRO B 195 3.25 -10.50 -30.99
C PRO B 195 4.17 -11.65 -31.44
N ILE B 196 3.84 -12.87 -31.02
CA ILE B 196 4.67 -14.09 -31.21
C ILE B 196 4.72 -14.43 -32.71
N GLU B 197 3.57 -14.40 -33.38
CA GLU B 197 3.45 -14.76 -34.81
C GLU B 197 4.20 -13.70 -35.61
N GLU B 198 4.31 -12.48 -35.07
CA GLU B 198 4.96 -11.34 -35.75
C GLU B 198 6.45 -11.28 -35.36
N GLY B 199 6.95 -12.26 -34.65
CA GLY B 199 8.40 -12.38 -34.39
C GLY B 199 8.83 -11.97 -33.00
N TRP B 200 7.94 -11.50 -32.12
CA TRP B 200 8.31 -11.11 -30.71
C TRP B 200 8.80 -12.34 -29.96
N LYS B 201 9.93 -12.23 -29.25
CA LYS B 201 10.51 -13.25 -28.36
C LYS B 201 10.58 -12.66 -26.95
N ARG B 202 10.35 -13.51 -25.95
CA ARG B 202 10.54 -13.08 -24.54
C ARG B 202 11.99 -12.62 -24.37
N SER B 203 12.19 -11.53 -23.62
CA SER B 203 13.55 -11.00 -23.40
C SER B 203 14.52 -12.08 -22.91
N THR B 204 15.70 -12.11 -23.50
CA THR B 204 16.75 -13.06 -23.08
C THR B 204 17.49 -12.43 -21.91
N THR B 205 17.49 -11.11 -21.82
CA THR B 205 18.10 -10.44 -20.64
C THR B 205 17.00 -10.20 -19.61
N PRO B 206 17.26 -10.50 -18.32
CA PRO B 206 16.27 -10.28 -17.26
C PRO B 206 15.95 -8.79 -17.09
N ILE B 207 14.66 -8.48 -16.98
CA ILE B 207 14.18 -7.08 -16.78
C ILE B 207 14.02 -6.90 -15.28
N THR B 208 14.84 -6.02 -14.72
CA THR B 208 14.99 -5.77 -13.26
C THR B 208 14.82 -4.29 -13.01
N SER B 209 14.81 -3.89 -11.74
CA SER B 209 14.88 -2.46 -11.35
C SER B 209 16.16 -1.82 -11.90
N ASP B 210 17.27 -2.57 -11.94
CA ASP B 210 18.59 -2.05 -12.42
C ASP B 210 18.60 -1.84 -13.94
N THR B 211 17.71 -2.48 -14.70
CA THR B 211 17.56 -2.22 -16.16
C THR B 211 16.46 -1.18 -16.39
N LEU B 212 15.31 -1.31 -15.70
CA LEU B 212 14.18 -0.38 -15.88
C LEU B 212 14.58 1.04 -15.43
N ASN B 213 15.22 1.18 -14.27
CA ASN B 213 15.40 2.50 -13.63
C ASN B 213 16.23 3.42 -14.53
N PRO B 214 17.41 2.99 -15.06
CA PRO B 214 18.18 3.80 -16.00
C PRO B 214 17.33 4.28 -17.18
N ILE B 215 16.53 3.38 -17.76
CA ILE B 215 15.62 3.73 -18.89
C ILE B 215 14.62 4.78 -18.39
N ALA B 216 13.94 4.55 -17.26
CA ALA B 216 12.93 5.49 -16.68
C ALA B 216 13.60 6.84 -16.42
N GLY B 217 14.82 6.83 -15.87
CA GLY B 217 15.64 8.04 -15.61
C GLY B 217 15.94 8.84 -16.88
N GLN B 218 16.31 8.14 -17.96
CA GLN B 218 16.61 8.79 -19.26
C GLN B 218 15.30 9.32 -19.86
N ILE B 219 14.20 8.58 -19.76
CA ILE B 219 12.87 9.05 -20.26
C ILE B 219 12.52 10.33 -19.52
N SER B 220 12.81 10.35 -18.22
CA SER B 220 12.55 11.50 -17.33
C SER B 220 13.27 12.75 -17.86
N GLU B 221 14.56 12.61 -18.17
CA GLU B 221 15.41 13.73 -18.65
C GLU B 221 14.84 14.22 -19.99
N ALA B 222 14.42 13.30 -20.85
CA ALA B 222 13.84 13.63 -22.17
C ALA B 222 12.43 14.19 -22.02
N SER B 223 11.85 14.22 -20.81
CA SER B 223 10.44 14.65 -20.63
C SER B 223 10.37 16.13 -20.23
N ASN B 224 11.52 16.71 -19.80
CA ASN B 224 11.65 18.10 -19.28
C ASN B 224 10.45 18.44 -18.40
N TRP B 225 10.29 17.75 -17.25
CA TRP B 225 9.00 17.73 -16.50
C TRP B 225 9.08 18.65 -15.28
N LYS B 226 7.96 19.30 -14.92
CA LYS B 226 7.78 20.02 -13.63
C LYS B 226 6.47 19.53 -13.00
N PRO B 227 6.41 19.36 -11.65
CA PRO B 227 5.16 19.03 -10.96
C PRO B 227 4.19 20.22 -10.93
N ASN B 228 2.89 19.97 -10.76
CA ASN B 228 1.90 21.01 -10.36
C ASN B 228 2.35 21.57 -9.01
N PRO B 229 2.38 22.90 -8.82
CA PRO B 229 2.97 23.51 -7.62
C PRO B 229 2.36 23.12 -6.25
N ASP B 230 1.04 23.21 -6.08
CA ASP B 230 0.38 23.07 -4.75
C ASP B 230 -0.31 21.70 -4.62
N GLN B 231 0.24 20.63 -5.21
CA GLN B 231 -0.32 19.24 -5.14
C GLN B 231 0.60 18.32 -4.32
N CYS B 232 -0.02 17.51 -3.46
CA CYS B 232 0.74 16.56 -2.65
C CYS B 232 0.64 15.18 -3.30
N PRO B 233 1.76 14.46 -3.49
CA PRO B 233 1.69 13.09 -3.98
C PRO B 233 0.86 12.25 -3.00
N TRP B 234 -0.02 11.38 -3.52
CA TRP B 234 -0.76 10.47 -2.61
C TRP B 234 -1.22 9.15 -3.25
N ILE B 235 -1.15 8.06 -2.50
CA ILE B 235 -1.75 6.76 -2.93
C ILE B 235 -3.11 6.62 -2.23
N VAL B 236 -4.21 6.76 -2.96
CA VAL B 236 -5.59 6.42 -2.50
C VAL B 236 -5.54 4.99 -1.97
N LEU B 237 -5.97 4.79 -0.72
CA LEU B 237 -5.62 3.59 0.08
C LEU B 237 -6.76 2.58 0.05
N SER B 238 -7.96 2.99 -0.35
CA SER B 238 -9.14 2.11 -0.27
C SER B 238 -10.23 2.61 -1.20
N PRO B 239 -11.02 1.67 -1.77
CA PRO B 239 -12.24 2.02 -2.51
C PRO B 239 -13.37 2.55 -1.61
CHA HEM C . 0.52 0.81 16.87
CHB HEM C . -3.35 -1.53 18.55
CHC HEM C . -3.63 -4.10 14.43
CHD HEM C . 0.54 -2.11 13.06
C1A HEM C . -0.58 0.45 17.61
C2A HEM C . -0.96 1.11 18.82
C3A HEM C . -2.06 0.45 19.29
C4A HEM C . -2.32 -0.63 18.41
CMA HEM C . -2.84 0.82 20.54
CAA HEM C . -0.34 2.34 19.44
CBA HEM C . 1.01 2.00 20.14
CGA HEM C . 1.72 3.24 20.61
O1A HEM C . 2.60 3.17 21.52
O2A HEM C . 1.41 4.34 20.07
C1B HEM C . -3.71 -2.44 17.57
C2B HEM C . -4.85 -3.28 17.74
C3B HEM C . -4.97 -3.99 16.59
C4B HEM C . -3.84 -3.58 15.72
CMB HEM C . -5.74 -3.40 18.97
CAB HEM C . -5.92 -5.08 16.41
CBB HEM C . -5.56 -6.18 15.72
C1C HEM C . -2.56 -3.77 13.66
C2C HEM C . -2.27 -4.25 12.38
C3C HEM C . -1.04 -3.68 12.00
C4C HEM C . -0.62 -2.86 13.05
CMC HEM C . -3.10 -5.25 11.62
CAC HEM C . -0.22 -3.89 10.80
CBC HEM C . -0.36 -4.97 10.07
C1D HEM C . 0.86 -1.17 14.02
C2D HEM C . 2.08 -0.34 13.89
C3D HEM C . 2.10 0.49 14.96
C4D HEM C . 0.86 0.15 15.71
CMD HEM C . 3.14 -0.39 12.77
CAD HEM C . 3.17 1.55 15.24
CBD HEM C . 2.55 2.95 15.19
CGD HEM C . 3.25 3.91 16.12
O1D HEM C . 4.10 4.68 15.61
O2D HEM C . 3.00 3.96 17.36
NA HEM C . -1.43 -0.62 17.37
NB HEM C . -3.16 -2.66 16.39
NC HEM C . -1.59 -2.93 14.05
ND HEM C . 0.16 -0.83 15.11
FE HEM C . -1.47 -1.69 15.69
MG MG D . 5.95 5.37 16.66
CHA HEM E . -0.36 0.96 -16.68
CHB HEM E . 2.98 -2.03 -18.45
CHC HEM E . 2.70 -4.62 -14.31
CHD HEM E . -0.92 -1.83 -12.81
C1A HEM E . 0.64 0.40 -17.46
C2A HEM E . 1.10 1.01 -18.66
C3A HEM E . 2.05 0.15 -19.16
C4A HEM E . 2.14 -0.96 -18.30
CMA HEM E . 2.84 0.37 -20.44
CAA HEM E . 0.68 2.33 -19.30
CBA HEM E . -0.67 2.26 -20.02
CGA HEM E . -1.11 3.62 -20.45
O1A HEM E . -2.03 3.70 -21.30
O2A HEM E . -0.58 4.67 -19.99
C1B HEM E . 3.16 -3.00 -17.45
C2B HEM E . 4.05 -4.06 -17.65
C3B HEM E . 4.02 -4.80 -16.52
C4B HEM E . 3.03 -4.17 -15.62
CMB HEM E . 4.88 -4.33 -18.87
CAB HEM E . 4.79 -6.03 -16.39
CBB HEM E . 4.46 -6.97 -15.52
C1C HEM E . 1.74 -4.10 -13.48
C2C HEM E . 1.41 -4.52 -12.17
C3C HEM E . 0.35 -3.69 -11.77
C4C HEM E . 0.05 -2.80 -12.85
CMC HEM E . 2.07 -5.65 -11.40
CAC HEM E . -0.46 -3.75 -10.54
CBC HEM E . -0.54 -4.89 -9.88
C1D HEM E . -1.03 -0.86 -13.80
C2D HEM E . -2.05 0.19 -13.70
C3D HEM E . -1.89 0.99 -14.78
C4D HEM E . -0.76 0.38 -15.52
CMD HEM E . -3.06 0.37 -12.60
CAD HEM E . -2.66 2.23 -15.13
CBD HEM E . -1.77 3.49 -15.09
CGD HEM E . -2.37 4.58 -15.94
O1D HEM E . -3.15 5.42 -15.41
O2D HEM E . -2.12 4.65 -17.16
NA HEM E . 1.27 -0.81 -17.22
NB HEM E . 2.60 -3.12 -16.26
NC HEM E . 0.95 -3.06 -13.87
ND HEM E . -0.31 -0.73 -14.93
FE HEM E . 1.15 -1.86 -15.53
MG MG F . -4.77 6.45 -16.46
#